data_4A7W
#
_entry.id   4A7W
#
_cell.length_a   137.420
_cell.length_b   137.420
_cell.length_c   152.891
_cell.angle_alpha   90.00
_cell.angle_beta   90.00
_cell.angle_gamma   120.00
#
_symmetry.space_group_name_H-M   'H 3 2'
#
loop_
_entity.id
_entity.type
_entity.pdbx_description
1 polymer 'URIDYLATE KINASE'
2 non-polymer "GUANOSINE-5'-TRIPHOSPHATE"
3 non-polymer GLYCEROL
4 water water
#
_entity_poly.entity_id   1
_entity_poly.type   'polypeptide(L)'
_entity_poly.pdbx_seq_one_letter_code
;MQAKIKNKRVLVKFSGEALAGDNQFGIDIHVLDHIAKEIKSLVENDIEVGIVIGGGNIIRGVSAAQGGIIRRTSGDYMGM
LATVINAVAMQEALEHIGLDTRVQSAIEIKEICESYIYRKAIRHLEKGRVVIFGAGTGNPFFTTDTAATLRAIEIGSDLI
IKATKVDGIYDKDPNKFKDAKKLDTLSYNDALIGDIEVMDDTAISLAKDNKLPIVVCNMFKKGNLLQVIKHQQGVFSMVK
;
_entity_poly.pdbx_strand_id   A,B
#
# COMPACT_ATOMS: atom_id res chain seq x y z
N LYS A 6 -1.38 -12.93 -32.52
CA LYS A 6 -1.54 -11.80 -31.61
C LYS A 6 -3.01 -11.49 -31.45
N ASN A 7 -3.82 -11.90 -32.42
CA ASN A 7 -5.22 -11.50 -32.42
C ASN A 7 -5.91 -11.56 -31.04
N LYS A 8 -5.76 -12.66 -30.30
CA LYS A 8 -6.53 -12.83 -29.07
C LYS A 8 -6.12 -11.89 -27.93
N ARG A 9 -7.09 -11.20 -27.33
CA ARG A 9 -6.81 -10.25 -26.25
C ARG A 9 -7.73 -10.47 -25.05
N VAL A 10 -7.14 -10.55 -23.86
CA VAL A 10 -7.90 -10.92 -22.67
C VAL A 10 -7.53 -10.04 -21.48
N LEU A 11 -8.49 -9.87 -20.57
CA LEU A 11 -8.26 -9.19 -19.30
C LEU A 11 -8.43 -10.23 -18.19
N VAL A 12 -7.37 -10.49 -17.43
CA VAL A 12 -7.40 -11.44 -16.33
C VAL A 12 -7.45 -10.69 -15.00
N LYS A 13 -8.45 -10.99 -14.18
CA LYS A 13 -8.62 -10.31 -12.90
C LYS A 13 -8.42 -11.27 -11.73
N PHE A 14 -7.58 -10.86 -10.79
CA PHE A 14 -7.33 -11.59 -9.55
C PHE A 14 -7.76 -10.73 -8.36
N SER A 15 -8.28 -11.36 -7.32
CA SER A 15 -8.51 -10.63 -6.08
C SER A 15 -7.15 -10.41 -5.42
N GLY A 16 -7.04 -9.40 -4.57
CA GLY A 16 -5.82 -9.20 -3.83
C GLY A 16 -5.50 -10.40 -2.96
N GLU A 17 -6.54 -10.94 -2.33
CA GLU A 17 -6.38 -12.06 -1.39
C GLU A 17 -5.71 -13.27 -2.04
N ALA A 18 -5.89 -13.41 -3.35
CA ALA A 18 -5.31 -14.51 -4.10
C ALA A 18 -3.79 -14.50 -4.03
N LEU A 19 -3.19 -13.32 -3.86
CA LEU A 19 -1.74 -13.23 -3.86
C LEU A 19 -1.13 -13.62 -2.50
N ALA A 20 -1.96 -13.68 -1.47
CA ALA A 20 -1.48 -13.89 -0.10
C ALA A 20 -1.20 -15.36 0.20
N GLY A 21 -1.73 -16.25 -0.63
CA GLY A 21 -1.51 -17.67 -0.44
C GLY A 21 -2.09 -18.18 0.86
N ASP A 22 -1.33 -19.01 1.58
CA ASP A 22 -1.79 -19.61 2.83
C ASP A 22 -2.22 -18.52 3.82
N ASN A 23 -1.31 -17.59 4.11
CA ASN A 23 -1.61 -16.48 4.99
C ASN A 23 -2.76 -15.63 4.47
N GLN A 24 -3.35 -14.81 5.33
CA GLN A 24 -4.44 -13.96 4.88
C GLN A 24 -3.96 -12.55 4.52
N PHE A 25 -2.73 -12.23 4.95
CA PHE A 25 -2.15 -10.91 4.68
C PHE A 25 -0.89 -11.05 3.81
N GLY A 26 -0.64 -10.05 2.99
CA GLY A 26 0.63 -9.96 2.30
C GLY A 26 0.72 -10.58 0.91
N ILE A 27 1.96 -10.83 0.50
CA ILE A 27 2.25 -11.37 -0.81
C ILE A 27 3.13 -12.60 -0.68
N ASP A 28 2.59 -13.74 -1.07
CA ASP A 28 3.35 -14.98 -1.15
C ASP A 28 4.07 -15.04 -2.48
N ILE A 29 5.37 -14.80 -2.46
CA ILE A 29 6.17 -14.75 -3.68
C ILE A 29 5.99 -16.00 -4.55
N HIS A 30 5.74 -17.14 -3.91
CA HIS A 30 5.61 -18.39 -4.65
C HIS A 30 4.32 -18.40 -5.47
N VAL A 31 3.24 -17.88 -4.89
CA VAL A 31 1.97 -17.75 -5.60
C VAL A 31 2.12 -16.80 -6.79
N LEU A 32 2.91 -15.75 -6.60
CA LEU A 32 3.17 -14.76 -7.64
C LEU A 32 3.90 -15.40 -8.81
N ASP A 33 4.92 -16.18 -8.49
CA ASP A 33 5.68 -16.91 -9.51
C ASP A 33 4.80 -17.88 -10.29
N HIS A 34 3.94 -18.61 -9.59
CA HIS A 34 3.04 -19.52 -10.27
C HIS A 34 2.15 -18.74 -11.25
N ILE A 35 1.61 -17.61 -10.78
CA ILE A 35 0.79 -16.77 -11.64
C ILE A 35 1.60 -16.31 -12.85
N ALA A 36 2.82 -15.86 -12.62
CA ALA A 36 3.67 -15.37 -13.70
C ALA A 36 3.85 -16.42 -14.80
N LYS A 37 4.04 -17.67 -14.41
CA LYS A 37 4.22 -18.75 -15.37
C LYS A 37 2.98 -19.01 -16.21
N GLU A 38 1.81 -18.91 -15.60
CA GLU A 38 0.56 -19.01 -16.35
C GLU A 38 0.44 -17.89 -17.40
N ILE A 39 0.74 -16.67 -16.99
CA ILE A 39 0.73 -15.53 -17.91
C ILE A 39 1.73 -15.78 -19.04
N LYS A 40 2.89 -16.28 -18.69
CA LYS A 40 3.91 -16.57 -19.69
C LYS A 40 3.40 -17.51 -20.77
N SER A 41 2.63 -18.52 -20.39
CA SER A 41 2.07 -19.44 -21.38
C SER A 41 1.12 -18.71 -22.34
N LEU A 42 0.44 -17.67 -21.86
CA LEU A 42 -0.45 -16.92 -22.74
C LEU A 42 0.38 -16.08 -23.69
N VAL A 43 1.39 -15.39 -23.14
CA VAL A 43 2.23 -14.53 -23.95
C VAL A 43 2.96 -15.31 -25.04
N GLU A 44 3.53 -16.45 -24.67
CA GLU A 44 4.23 -17.29 -25.64
C GLU A 44 3.31 -17.81 -26.73
N ASN A 45 2.01 -17.77 -26.47
CA ASN A 45 1.03 -18.18 -27.47
C ASN A 45 0.34 -17.00 -28.17
N ASP A 46 1.01 -15.86 -28.21
CA ASP A 46 0.51 -14.68 -28.93
C ASP A 46 -0.86 -14.20 -28.45
N ILE A 47 -1.13 -14.40 -27.17
CA ILE A 47 -2.30 -13.82 -26.53
C ILE A 47 -1.88 -12.54 -25.80
N GLU A 48 -2.61 -11.46 -26.05
CA GLU A 48 -2.30 -10.18 -25.45
C GLU A 48 -3.02 -10.07 -24.10
N VAL A 49 -2.26 -9.75 -23.06
CA VAL A 49 -2.76 -9.87 -21.70
C VAL A 49 -2.80 -8.55 -20.92
N GLY A 50 -3.99 -8.17 -20.46
CA GLY A 50 -4.12 -7.16 -19.43
C GLY A 50 -4.47 -7.84 -18.12
N ILE A 51 -4.02 -7.27 -17.01
CA ILE A 51 -4.28 -7.86 -15.69
C ILE A 51 -4.83 -6.79 -14.73
N VAL A 52 -5.81 -7.16 -13.92
CA VAL A 52 -6.27 -6.29 -12.84
C VAL A 52 -6.21 -7.09 -11.54
N ILE A 53 -5.65 -6.50 -10.48
CA ILE A 53 -5.54 -7.17 -9.19
C ILE A 53 -6.24 -6.36 -8.12
N GLY A 54 -6.93 -7.04 -7.21
CA GLY A 54 -7.52 -6.36 -6.07
C GLY A 54 -6.50 -6.04 -4.99
N GLY A 55 -6.98 -5.51 -3.87
CA GLY A 55 -6.09 -5.10 -2.79
C GLY A 55 -6.39 -5.72 -1.45
N GLY A 56 -7.29 -6.70 -1.43
CA GLY A 56 -7.77 -7.26 -0.18
C GLY A 56 -6.75 -8.00 0.66
N ASN A 57 -5.59 -8.28 0.09
CA ASN A 57 -4.51 -8.95 0.82
C ASN A 57 -3.74 -7.96 1.68
N ILE A 58 -4.02 -6.67 1.49
CA ILE A 58 -3.39 -5.61 2.25
C ILE A 58 -4.43 -4.80 3.04
N ILE A 59 -5.49 -4.40 2.34
CA ILE A 59 -6.57 -3.66 2.97
C ILE A 59 -7.80 -4.55 3.03
N ILE A 69 -13.76 3.94 12.34
CA ILE A 69 -12.76 5.01 12.36
C ILE A 69 -12.36 5.41 10.94
N ILE A 70 -12.02 4.41 10.12
CA ILE A 70 -11.70 4.65 8.72
C ILE A 70 -12.99 4.64 7.90
N ARG A 71 -13.28 5.76 7.25
CA ARG A 71 -14.52 5.90 6.49
C ARG A 71 -14.39 5.31 5.08
N ARG A 72 -15.52 5.06 4.43
CA ARG A 72 -15.56 4.33 3.17
C ARG A 72 -14.62 4.88 2.09
N THR A 73 -14.66 6.19 1.88
CA THR A 73 -13.85 6.82 0.86
C THR A 73 -12.35 6.63 1.16
N SER A 74 -11.93 6.90 2.38
CA SER A 74 -10.53 6.70 2.76
C SER A 74 -10.10 5.24 2.56
N GLY A 75 -10.94 4.33 3.03
CA GLY A 75 -10.67 2.91 2.87
C GLY A 75 -10.51 2.51 1.42
N ASP A 76 -11.35 3.05 0.55
CA ASP A 76 -11.25 2.73 -0.88
C ASP A 76 -9.97 3.27 -1.51
N TYR A 77 -9.56 4.48 -1.10
CA TYR A 77 -8.28 5.04 -1.57
C TYR A 77 -7.08 4.22 -1.06
N MET A 78 -7.10 3.81 0.18
CA MET A 78 -6.08 2.89 0.69
C MET A 78 -6.05 1.61 -0.13
N GLY A 79 -7.23 1.07 -0.43
CA GLY A 79 -7.34 -0.12 -1.26
C GLY A 79 -6.72 0.08 -2.63
N MET A 80 -6.99 1.21 -3.26
CA MET A 80 -6.41 1.50 -4.57
C MET A 80 -4.88 1.52 -4.52
N LEU A 81 -4.32 2.12 -3.46
CA LEU A 81 -2.87 2.12 -3.29
C LEU A 81 -2.39 0.67 -3.16
N ALA A 82 -3.13 -0.17 -2.44
CA ALA A 82 -2.78 -1.58 -2.32
C ALA A 82 -2.73 -2.29 -3.69
N THR A 83 -3.69 -2.01 -4.56
CA THR A 83 -3.67 -2.64 -5.89
C THR A 83 -2.41 -2.26 -6.65
N VAL A 84 -1.85 -1.08 -6.39
CA VAL A 84 -0.65 -0.63 -7.09
C VAL A 84 0.60 -1.33 -6.54
N ILE A 85 0.64 -1.50 -5.22
CA ILE A 85 1.67 -2.32 -4.58
C ILE A 85 1.68 -3.73 -5.21
N ASN A 86 0.51 -4.36 -5.28
CA ASN A 86 0.38 -5.67 -5.92
C ASN A 86 0.82 -5.66 -7.39
N ALA A 87 0.46 -4.62 -8.12
CA ALA A 87 0.81 -4.54 -9.53
C ALA A 87 2.32 -4.47 -9.70
N VAL A 88 2.98 -3.70 -8.84
CA VAL A 88 4.45 -3.62 -8.89
C VAL A 88 5.09 -4.98 -8.56
N ALA A 89 4.60 -5.65 -7.53
CA ALA A 89 5.15 -6.94 -7.17
C ALA A 89 4.96 -7.91 -8.34
N MET A 90 3.79 -7.88 -8.94
CA MET A 90 3.47 -8.73 -10.09
C MET A 90 4.38 -8.41 -11.26
N GLN A 91 4.63 -7.13 -11.51
CA GLN A 91 5.53 -6.72 -12.57
C GLN A 91 6.91 -7.34 -12.33
N GLU A 92 7.38 -7.27 -11.08
CA GLU A 92 8.67 -7.86 -10.73
C GLU A 92 8.67 -9.36 -11.05
N ALA A 93 7.61 -10.06 -10.64
CA ALA A 93 7.53 -11.50 -10.89
C ALA A 93 7.54 -11.84 -12.38
N LEU A 94 6.81 -11.07 -13.19
CA LEU A 94 6.75 -11.34 -14.63
C LEU A 94 8.08 -11.02 -15.30
N GLU A 95 8.68 -9.90 -14.93
CA GLU A 95 9.93 -9.51 -15.55
C GLU A 95 11.06 -10.44 -15.11
N HIS A 96 10.94 -11.00 -13.92
CA HIS A 96 11.89 -12.00 -13.45
C HIS A 96 11.99 -13.17 -14.42
N ILE A 97 10.90 -13.51 -15.09
CA ILE A 97 10.94 -14.62 -16.02
C ILE A 97 10.91 -14.15 -17.47
N GLY A 98 11.34 -12.92 -17.69
CA GLY A 98 11.58 -12.42 -19.03
C GLY A 98 10.43 -11.79 -19.79
N LEU A 99 9.29 -11.61 -19.13
CA LEU A 99 8.13 -10.98 -19.77
C LEU A 99 8.16 -9.46 -19.63
N ASP A 100 8.22 -8.75 -20.75
CA ASP A 100 8.09 -7.30 -20.76
C ASP A 100 6.73 -6.91 -20.21
N THR A 101 6.74 -6.09 -19.17
CA THR A 101 5.53 -5.77 -18.42
C THR A 101 5.45 -4.27 -18.16
N ARG A 102 4.25 -3.72 -18.27
CA ARG A 102 4.01 -2.31 -18.02
C ARG A 102 2.92 -2.17 -16.98
N VAL A 103 3.07 -1.22 -16.07
CA VAL A 103 2.02 -0.96 -15.09
C VAL A 103 1.40 0.41 -15.36
N GLN A 104 0.07 0.44 -15.49
CA GLN A 104 -0.65 1.70 -15.70
C GLN A 104 -1.69 1.91 -14.60
N SER A 105 -1.59 3.05 -13.92
CA SER A 105 -2.46 3.36 -12.79
C SER A 105 -3.52 4.39 -13.15
N ALA A 106 -4.74 4.22 -12.63
CA ALA A 106 -5.83 5.16 -12.86
C ALA A 106 -5.55 6.48 -12.14
N ILE A 107 -4.67 6.39 -11.15
CA ILE A 107 -4.20 7.55 -10.41
C ILE A 107 -2.71 7.73 -10.76
N GLU A 108 -2.33 8.92 -11.20
CA GLU A 108 -0.93 9.14 -11.55
C GLU A 108 -0.02 9.03 -10.32
N ILE A 109 0.99 8.17 -10.42
CA ILE A 109 2.02 8.00 -9.40
C ILE A 109 3.31 7.84 -10.20
N LYS A 110 3.78 8.93 -10.79
CA LYS A 110 4.68 8.82 -11.94
C LYS A 110 6.03 8.16 -11.66
N GLU A 111 6.58 8.36 -10.47
CA GLU A 111 7.87 7.74 -10.17
C GLU A 111 7.77 6.23 -10.17
N ILE A 112 6.58 5.73 -9.84
CA ILE A 112 6.41 4.29 -9.59
C ILE A 112 5.89 3.49 -10.79
N CYS A 113 4.93 4.06 -11.52
CA CYS A 113 4.37 3.39 -12.68
C CYS A 113 3.83 4.41 -13.68
N GLU A 114 3.39 3.95 -14.84
CA GLU A 114 2.78 4.82 -15.86
C GLU A 114 1.36 5.17 -15.44
N SER A 115 0.80 6.20 -16.05
CA SER A 115 -0.61 6.52 -15.87
C SER A 115 -1.40 5.75 -16.91
N TYR A 116 -2.67 5.48 -16.64
CA TYR A 116 -3.50 4.86 -17.66
C TYR A 116 -3.71 5.83 -18.81
N ILE A 117 -3.25 5.45 -20.00
CA ILE A 117 -3.46 6.27 -21.20
C ILE A 117 -3.84 5.32 -22.32
N TYR A 118 -5.05 5.47 -22.84
CA TYR A 118 -5.57 4.53 -23.80
C TYR A 118 -4.60 4.25 -24.96
N ARG A 119 -4.11 5.30 -25.62
CA ARG A 119 -3.26 5.08 -26.79
C ARG A 119 -1.96 4.35 -26.43
N LYS A 120 -1.49 4.55 -25.21
CA LYS A 120 -0.29 3.85 -24.73
C LYS A 120 -0.59 2.39 -24.39
N ALA A 121 -1.71 2.14 -23.72
CA ALA A 121 -2.06 0.78 -23.36
C ALA A 121 -2.19 -0.09 -24.62
N ILE A 122 -2.87 0.43 -25.63
CA ILE A 122 -3.05 -0.31 -26.88
C ILE A 122 -1.71 -0.63 -27.51
N ARG A 123 -0.84 0.37 -27.58
CA ARG A 123 0.51 0.16 -28.14
C ARG A 123 1.28 -0.93 -27.39
N HIS A 124 1.27 -0.87 -26.07
CA HIS A 124 1.96 -1.88 -25.26
C HIS A 124 1.46 -3.28 -25.63
N LEU A 125 0.15 -3.42 -25.73
CA LEU A 125 -0.46 -4.74 -25.96
C LEU A 125 -0.11 -5.22 -27.36
N GLU A 126 -0.14 -4.31 -28.32
CA GLU A 126 0.19 -4.65 -29.70
C GLU A 126 1.63 -5.13 -29.85
N LYS A 127 2.50 -4.61 -29.00
CA LYS A 127 3.90 -4.99 -29.01
C LYS A 127 4.22 -6.18 -28.09
N GLY A 128 3.19 -6.82 -27.56
CA GLY A 128 3.38 -8.05 -26.81
C GLY A 128 3.73 -7.90 -25.35
N ARG A 129 3.61 -6.68 -24.82
CA ARG A 129 3.80 -6.45 -23.39
C ARG A 129 2.57 -6.89 -22.61
N VAL A 130 2.77 -7.36 -21.38
CA VAL A 130 1.68 -7.55 -20.44
C VAL A 130 1.41 -6.21 -19.77
N VAL A 131 0.15 -5.82 -19.67
CA VAL A 131 -0.16 -4.55 -19.03
C VAL A 131 -0.97 -4.82 -17.78
N ILE A 132 -0.47 -4.34 -16.64
CA ILE A 132 -1.16 -4.50 -15.37
C ILE A 132 -1.78 -3.17 -14.98
N PHE A 133 -3.08 -3.16 -14.75
CA PHE A 133 -3.79 -1.94 -14.41
C PHE A 133 -3.95 -1.79 -12.90
N GLY A 134 -3.46 -0.67 -12.37
CA GLY A 134 -3.54 -0.40 -10.94
C GLY A 134 -4.54 0.69 -10.58
N ALA A 135 -4.93 0.73 -9.31
CA ALA A 135 -5.85 1.73 -8.76
C ALA A 135 -7.27 1.68 -9.32
N GLY A 136 -7.66 0.52 -9.86
CA GLY A 136 -9.01 0.34 -10.36
C GLY A 136 -9.44 1.36 -11.41
N THR A 137 -10.55 2.03 -11.21
CA THR A 137 -10.96 3.09 -12.09
C THR A 137 -10.49 4.46 -11.59
N GLY A 138 -9.86 4.48 -10.44
CA GLY A 138 -9.45 5.67 -9.75
C GLY A 138 -10.51 6.33 -8.90
N ASN A 139 -11.67 5.68 -8.88
CA ASN A 139 -12.83 6.12 -8.14
C ASN A 139 -13.26 5.12 -7.05
N PRO A 140 -13.57 5.61 -5.87
CA PRO A 140 -14.08 4.82 -4.82
C PRO A 140 -15.50 4.36 -5.17
N PHE A 141 -16.03 3.42 -4.42
CA PHE A 141 -17.34 2.76 -4.60
C PHE A 141 -17.50 1.81 -5.76
N PHE A 142 -16.53 1.72 -6.63
CA PHE A 142 -16.60 0.82 -7.77
C PHE A 142 -15.78 -0.39 -7.32
N THR A 143 -16.29 -1.58 -7.54
CA THR A 143 -15.56 -2.75 -7.16
C THR A 143 -14.40 -3.06 -8.11
N THR A 144 -13.48 -3.90 -7.66
CA THR A 144 -12.42 -4.38 -8.52
C THR A 144 -13.02 -5.07 -9.73
N ASP A 145 -14.03 -5.92 -9.55
CA ASP A 145 -14.68 -6.55 -10.70
C ASP A 145 -15.16 -5.51 -11.70
N THR A 146 -15.74 -4.41 -11.20
CA THR A 146 -16.22 -3.37 -12.10
C THR A 146 -15.05 -2.70 -12.82
N ALA A 147 -13.99 -2.40 -12.06
CA ALA A 147 -12.78 -1.82 -12.64
C ALA A 147 -12.23 -2.72 -13.75
N ALA A 148 -12.18 -4.01 -13.46
CA ALA A 148 -11.64 -4.99 -14.41
C ALA A 148 -12.49 -5.10 -15.67
N THR A 149 -13.82 -5.09 -15.50
CA THR A 149 -14.73 -5.15 -16.63
C THR A 149 -14.56 -3.91 -17.51
N LEU A 150 -14.40 -2.75 -16.86
CA LEU A 150 -14.14 -1.51 -17.58
C LEU A 150 -12.87 -1.58 -18.41
N ARG A 151 -11.75 -1.93 -17.78
CA ARG A 151 -10.50 -2.02 -18.51
C ARG A 151 -10.60 -3.03 -19.64
N ALA A 152 -11.32 -4.12 -19.40
CA ALA A 152 -11.46 -5.17 -20.42
C ALA A 152 -12.10 -4.60 -21.67
N ILE A 153 -13.18 -3.85 -21.49
CA ILE A 153 -13.90 -3.27 -22.61
C ILE A 153 -13.08 -2.18 -23.29
N GLU A 154 -12.41 -1.37 -22.48
CA GLU A 154 -11.62 -0.26 -23.04
C GLU A 154 -10.53 -0.76 -23.97
N ILE A 155 -9.90 -1.88 -23.65
CA ILE A 155 -8.81 -2.40 -24.47
C ILE A 155 -9.28 -3.32 -25.60
N GLY A 156 -10.60 -3.49 -25.73
CA GLY A 156 -11.14 -4.33 -26.77
C GLY A 156 -10.90 -5.81 -26.55
N SER A 157 -10.97 -6.23 -25.29
CA SER A 157 -10.81 -7.64 -24.93
C SER A 157 -11.90 -8.54 -25.54
N ASP A 158 -11.50 -9.74 -25.90
CA ASP A 158 -12.44 -10.77 -26.32
C ASP A 158 -13.22 -11.33 -25.14
N LEU A 159 -12.63 -11.25 -23.95
CA LEU A 159 -13.33 -11.69 -22.76
C LEU A 159 -12.61 -11.20 -21.53
N ILE A 160 -13.31 -11.19 -20.40
CA ILE A 160 -12.67 -11.01 -19.10
C ILE A 160 -12.67 -12.35 -18.41
N ILE A 161 -11.55 -12.70 -17.80
CA ILE A 161 -11.48 -13.90 -16.98
C ILE A 161 -11.34 -13.50 -15.52
N LYS A 162 -12.34 -13.85 -14.73
CA LYS A 162 -12.26 -13.69 -13.29
C LYS A 162 -11.66 -14.97 -12.71
N ALA A 163 -10.39 -14.88 -12.31
CA ALA A 163 -9.71 -16.01 -11.70
C ALA A 163 -10.11 -16.07 -10.23
N THR A 164 -10.62 -17.20 -9.78
CA THR A 164 -11.04 -17.35 -8.39
C THR A 164 -10.48 -18.64 -7.79
N LYS A 165 -10.78 -18.88 -6.52
CA LYS A 165 -10.30 -20.10 -5.84
C LYS A 165 -11.15 -21.30 -6.20
N VAL A 166 -12.33 -21.03 -6.75
CA VAL A 166 -13.33 -22.04 -7.06
C VAL A 166 -13.31 -22.34 -8.56
N ASP A 167 -13.82 -23.50 -8.95
CA ASP A 167 -13.77 -23.99 -10.33
C ASP A 167 -14.60 -23.22 -11.34
N GLY A 168 -15.56 -22.45 -10.86
CA GLY A 168 -16.50 -21.78 -11.75
C GLY A 168 -17.61 -21.13 -10.96
N ILE A 169 -18.76 -20.97 -11.59
CA ILE A 169 -19.91 -20.34 -10.97
C ILE A 169 -20.85 -21.41 -10.47
N TYR A 170 -21.24 -21.31 -9.20
CA TYR A 170 -22.18 -22.30 -8.66
C TYR A 170 -23.58 -21.75 -8.42
N ASP A 171 -24.58 -22.63 -8.57
CA ASP A 171 -25.97 -22.28 -8.31
C ASP A 171 -26.16 -21.83 -6.87
N LYS A 172 -25.28 -22.33 -6.00
CA LYS A 172 -25.33 -21.99 -4.60
C LYS A 172 -23.91 -22.09 -4.08
N ASP A 173 -23.63 -21.40 -3.00
CA ASP A 173 -22.29 -21.36 -2.44
C ASP A 173 -21.77 -22.76 -2.08
N PRO A 174 -20.62 -23.15 -2.65
CA PRO A 174 -19.91 -24.40 -2.32
C PRO A 174 -19.29 -24.33 -0.94
N ASN A 175 -19.37 -23.16 -0.32
CA ASN A 175 -18.73 -22.93 0.98
C ASN A 175 -19.83 -23.23 1.95
N LYS A 176 -20.93 -23.65 1.35
CA LYS A 176 -22.10 -23.96 2.05
C LYS A 176 -22.77 -25.20 1.51
N PHE A 177 -22.56 -25.66 0.28
CA PHE A 177 -23.67 -26.44 -0.23
C PHE A 177 -23.05 -27.67 -0.88
N LYS A 178 -23.07 -28.79 -0.16
CA LYS A 178 -22.51 -30.01 -0.70
C LYS A 178 -23.35 -30.47 -1.89
N ASP A 179 -24.50 -29.82 -2.08
CA ASP A 179 -25.35 -30.10 -3.23
C ASP A 179 -25.23 -28.98 -4.28
N ALA A 180 -24.36 -28.02 -4.02
CA ALA A 180 -24.14 -26.91 -4.95
C ALA A 180 -23.53 -27.41 -6.25
N LYS A 181 -24.13 -27.03 -7.37
CA LYS A 181 -23.68 -27.51 -8.67
C LYS A 181 -23.09 -26.40 -9.56
N LYS A 182 -22.00 -26.73 -10.23
CA LYS A 182 -21.34 -25.80 -11.15
C LYS A 182 -22.20 -25.56 -12.39
N LEU A 183 -22.45 -24.29 -12.67
CA LEU A 183 -23.18 -23.88 -13.87
C LEU A 183 -22.17 -23.57 -14.96
N ASP A 184 -22.23 -24.30 -16.06
CA ASP A 184 -21.26 -24.11 -17.15
C ASP A 184 -21.53 -22.85 -17.95
N THR A 185 -22.80 -22.57 -18.21
CA THR A 185 -23.19 -21.35 -18.91
C THR A 185 -24.31 -20.62 -18.18
N LEU A 186 -24.28 -19.29 -18.24
CA LEU A 186 -25.35 -18.46 -17.71
C LEU A 186 -25.56 -17.27 -18.64
N SER A 187 -26.71 -16.63 -18.52
CA SER A 187 -26.98 -15.38 -19.23
C SER A 187 -26.71 -14.22 -18.28
N TYR A 188 -26.53 -13.01 -18.83
CA TYR A 188 -26.36 -11.85 -17.97
C TYR A 188 -27.54 -11.74 -16.99
N ASN A 189 -28.75 -11.91 -17.52
CA ASN A 189 -29.95 -11.86 -16.67
C ASN A 189 -29.94 -12.90 -15.57
N ASP A 190 -29.49 -14.12 -15.89
CA ASP A 190 -29.34 -15.16 -14.87
C ASP A 190 -28.45 -14.68 -13.73
N ALA A 191 -27.39 -13.97 -14.07
CA ALA A 191 -26.45 -13.49 -13.06
C ALA A 191 -27.04 -12.33 -12.27
N LEU A 192 -27.69 -11.41 -12.98
CA LEU A 192 -28.30 -10.22 -12.37
C LEU A 192 -29.47 -10.56 -11.46
N ILE A 193 -30.43 -11.28 -12.02
CA ILE A 193 -31.68 -11.62 -11.33
C ILE A 193 -31.46 -12.59 -10.17
N GLY A 194 -30.68 -13.65 -10.42
CA GLY A 194 -30.47 -14.69 -9.44
C GLY A 194 -29.76 -14.26 -8.16
N ASP A 195 -29.73 -15.16 -7.18
CA ASP A 195 -28.95 -14.96 -5.98
C ASP A 195 -27.60 -15.63 -6.11
N ILE A 196 -27.20 -15.91 -7.36
CA ILE A 196 -25.90 -16.52 -7.64
C ILE A 196 -24.80 -15.47 -7.78
N GLU A 197 -23.68 -15.72 -7.10
CA GLU A 197 -22.59 -14.77 -7.04
C GLU A 197 -21.60 -14.94 -8.19
N VAL A 198 -21.61 -13.99 -9.12
CA VAL A 198 -20.65 -13.98 -10.22
C VAL A 198 -19.75 -12.77 -10.08
N MET A 199 -20.35 -11.59 -10.26
CA MET A 199 -19.75 -10.29 -9.93
C MET A 199 -20.89 -9.42 -9.41
N ASP A 200 -20.57 -8.23 -8.91
CA ASP A 200 -21.61 -7.33 -8.46
C ASP A 200 -22.43 -6.84 -9.65
N ASP A 201 -23.65 -6.38 -9.35
CA ASP A 201 -24.61 -5.97 -10.37
C ASP A 201 -24.03 -4.92 -11.30
N THR A 202 -23.26 -3.99 -10.75
CA THR A 202 -22.73 -2.92 -11.57
C THR A 202 -21.79 -3.47 -12.63
N ALA A 203 -20.93 -4.39 -12.20
CA ALA A 203 -20.01 -5.06 -13.12
C ALA A 203 -20.77 -5.85 -14.20
N ILE A 204 -21.73 -6.66 -13.77
CA ILE A 204 -22.50 -7.47 -14.72
C ILE A 204 -23.22 -6.61 -15.76
N SER A 205 -23.82 -5.52 -15.29
CA SER A 205 -24.53 -4.60 -16.17
C SER A 205 -23.62 -4.00 -17.24
N LEU A 206 -22.42 -3.61 -16.85
CA LEU A 206 -21.46 -3.01 -17.78
C LEU A 206 -20.99 -4.06 -18.78
N ALA A 207 -20.76 -5.29 -18.32
CA ALA A 207 -20.37 -6.36 -19.24
C ALA A 207 -21.50 -6.61 -20.24
N LYS A 208 -22.72 -6.74 -19.71
CA LYS A 208 -23.91 -6.98 -20.51
C LYS A 208 -24.09 -5.93 -21.59
N ASP A 209 -23.99 -4.66 -21.22
CA ASP A 209 -24.25 -3.59 -22.18
C ASP A 209 -23.18 -3.44 -23.26
N ASN A 210 -22.04 -4.09 -23.05
CA ASN A 210 -20.99 -4.09 -24.07
C ASN A 210 -20.72 -5.49 -24.59
N LYS A 211 -21.57 -6.44 -24.23
CA LYS A 211 -21.49 -7.79 -24.74
C LYS A 211 -20.10 -8.37 -24.52
N LEU A 212 -19.57 -8.16 -23.33
CA LEU A 212 -18.30 -8.73 -22.94
C LEU A 212 -18.52 -10.09 -22.29
N PRO A 213 -18.03 -11.17 -22.92
CA PRO A 213 -18.19 -12.48 -22.27
C PRO A 213 -17.39 -12.50 -20.97
N ILE A 214 -17.93 -13.15 -19.95
CA ILE A 214 -17.24 -13.29 -18.67
C ILE A 214 -16.97 -14.75 -18.38
N VAL A 215 -15.71 -15.07 -18.08
CA VAL A 215 -15.32 -16.42 -17.68
C VAL A 215 -14.83 -16.42 -16.25
N VAL A 216 -15.36 -17.34 -15.44
CA VAL A 216 -14.91 -17.54 -14.08
C VAL A 216 -14.24 -18.90 -13.99
N CYS A 217 -13.03 -18.94 -13.44
CA CYS A 217 -12.30 -20.19 -13.36
C CYS A 217 -11.22 -20.15 -12.27
N ASN A 218 -10.57 -21.29 -12.09
CA ASN A 218 -9.61 -21.50 -11.01
C ASN A 218 -8.20 -21.13 -11.45
N MET A 219 -7.65 -20.10 -10.82
CA MET A 219 -6.31 -19.62 -11.13
C MET A 219 -5.28 -20.75 -11.09
N PHE A 220 -5.34 -21.53 -10.02
CA PHE A 220 -4.31 -22.51 -9.68
C PHE A 220 -4.00 -23.59 -10.73
N LYS A 221 -5.02 -24.16 -11.36
CA LYS A 221 -4.77 -25.30 -12.24
C LYS A 221 -3.94 -24.94 -13.48
N LYS A 222 -2.76 -25.55 -13.59
CA LYS A 222 -1.79 -25.20 -14.63
C LYS A 222 -2.33 -25.41 -16.03
N GLY A 223 -2.10 -24.43 -16.90
CA GLY A 223 -2.51 -24.51 -18.28
C GLY A 223 -3.96 -24.15 -18.49
N ASN A 224 -4.69 -23.90 -17.43
CA ASN A 224 -6.12 -23.67 -17.59
C ASN A 224 -6.45 -22.39 -18.36
N LEU A 225 -5.78 -21.29 -18.02
CA LEU A 225 -6.00 -20.05 -18.75
C LEU A 225 -5.78 -20.25 -20.24
N LEU A 226 -4.66 -20.88 -20.59
CA LEU A 226 -4.38 -21.13 -21.99
C LEU A 226 -5.48 -21.93 -22.67
N GLN A 227 -5.98 -22.95 -21.96
CA GLN A 227 -7.01 -23.82 -22.51
C GLN A 227 -8.27 -23.01 -22.76
N VAL A 228 -8.65 -22.21 -21.78
CA VAL A 228 -9.86 -21.40 -21.90
C VAL A 228 -9.76 -20.45 -23.10
N ILE A 229 -8.64 -19.76 -23.21
CA ILE A 229 -8.50 -18.70 -24.21
C ILE A 229 -8.19 -19.23 -25.59
N LYS A 230 -7.21 -20.13 -25.69
CA LYS A 230 -6.78 -20.62 -27.00
C LYS A 230 -7.70 -21.70 -27.54
N HIS A 231 -8.26 -22.54 -26.67
CA HIS A 231 -9.00 -23.70 -27.14
C HIS A 231 -10.47 -23.72 -26.75
N GLN A 232 -10.91 -22.74 -25.99
CA GLN A 232 -12.26 -22.77 -25.43
C GLN A 232 -12.50 -24.09 -24.67
N GLN A 233 -11.47 -24.58 -23.99
CA GLN A 233 -11.61 -25.77 -23.14
C GLN A 233 -11.06 -25.53 -21.72
N GLY A 234 -10.69 -26.59 -21.02
CA GLY A 234 -10.32 -26.47 -19.62
C GLY A 234 -11.56 -26.51 -18.76
N VAL A 235 -11.45 -26.00 -17.54
CA VAL A 235 -12.56 -25.99 -16.60
C VAL A 235 -12.97 -24.55 -16.28
N PHE A 236 -14.24 -24.23 -16.44
CA PHE A 236 -14.69 -22.84 -16.30
C PHE A 236 -16.21 -22.73 -16.38
N SER A 237 -16.72 -21.55 -16.05
CA SER A 237 -18.11 -21.21 -16.29
C SER A 237 -18.11 -19.97 -17.14
N MET A 238 -19.14 -19.77 -17.95
CA MET A 238 -19.21 -18.57 -18.78
C MET A 238 -20.55 -17.86 -18.70
N VAL A 239 -20.51 -16.53 -18.77
CA VAL A 239 -21.69 -15.68 -18.80
C VAL A 239 -21.66 -14.89 -20.10
N LYS A 240 -22.75 -14.87 -20.85
CA LYS A 240 -22.74 -14.22 -22.17
C LYS A 240 -24.14 -14.00 -22.74
N LYS B 6 2.00 28.48 20.29
CA LYS B 6 2.25 27.76 19.05
C LYS B 6 3.73 27.48 18.89
N ASN B 7 4.58 28.39 19.30
CA ASN B 7 5.96 28.38 18.92
C ASN B 7 6.52 26.99 18.74
N LYS B 8 6.43 26.06 19.67
CA LYS B 8 7.14 24.77 19.61
C LYS B 8 6.71 23.89 18.43
N ARG B 9 7.67 23.40 17.66
CA ARG B 9 7.38 22.59 16.47
C ARG B 9 8.24 21.33 16.44
N VAL B 10 7.58 20.19 16.27
CA VAL B 10 8.23 18.89 16.37
C VAL B 10 7.89 18.00 15.18
N LEU B 11 8.81 17.09 14.81
CA LEU B 11 8.54 16.03 13.86
C LEU B 11 8.59 14.70 14.61
N VAL B 12 7.47 13.99 14.67
CA VAL B 12 7.42 12.69 15.33
C VAL B 12 7.47 11.58 14.29
N LYS B 13 8.44 10.68 14.42
CA LYS B 13 8.61 9.59 13.48
C LYS B 13 8.29 8.25 14.12
N PHE B 14 7.43 7.49 13.46
CA PHE B 14 7.07 6.13 13.87
C PHE B 14 7.52 5.14 12.80
N SER B 15 7.91 3.94 13.20
CA SER B 15 8.10 2.88 12.22
C SER B 15 6.72 2.36 11.83
N GLY B 16 6.62 1.78 10.63
CA GLY B 16 5.36 1.18 10.23
C GLY B 16 4.94 0.04 11.15
N GLU B 17 5.92 -0.75 11.59
CA GLU B 17 5.65 -1.89 12.46
C GLU B 17 4.94 -1.47 13.73
N ALA B 18 5.19 -0.24 14.18
CA ALA B 18 4.55 0.30 15.37
C ALA B 18 3.02 0.33 15.24
N LEU B 19 2.51 0.38 14.02
CA LEU B 19 1.06 0.46 13.83
C LEU B 19 0.43 -0.93 13.84
N ALA B 20 1.24 -1.98 13.72
CA ALA B 20 0.73 -3.34 13.52
C ALA B 20 0.20 -4.01 14.78
N GLY B 21 0.59 -3.50 15.95
CA GLY B 21 0.20 -4.11 17.20
C GLY B 21 0.95 -5.42 17.43
N ASP B 22 0.35 -6.32 18.18
CA ASP B 22 0.97 -7.61 18.48
C ASP B 22 1.39 -8.33 17.20
N ASN B 23 0.49 -8.33 16.22
CA ASN B 23 0.77 -8.93 14.92
C ASN B 23 2.01 -8.34 14.26
N GLN B 24 2.45 -8.97 13.18
CA GLN B 24 3.62 -8.47 12.46
C GLN B 24 3.19 -7.57 11.30
N PHE B 25 1.93 -7.68 10.89
CA PHE B 25 1.45 -6.97 9.71
C PHE B 25 0.11 -6.27 9.89
N GLY B 26 -0.14 -5.27 9.05
CA GLY B 26 -1.41 -4.58 9.06
C GLY B 26 -1.44 -3.35 9.96
N ILE B 27 -2.66 -2.91 10.25
CA ILE B 27 -2.90 -1.73 11.05
C ILE B 27 -3.85 -2.08 12.20
N ASP B 28 -3.37 -1.94 13.43
CA ASP B 28 -4.20 -2.15 14.61
C ASP B 28 -4.87 -0.83 14.96
N ILE B 29 -6.17 -0.75 14.72
CA ILE B 29 -6.93 0.48 14.96
C ILE B 29 -6.80 0.99 16.40
N HIS B 30 -6.53 0.09 17.33
CA HIS B 30 -6.40 0.49 18.73
C HIS B 30 -5.05 1.19 18.97
N VAL B 31 -4.00 0.66 18.36
CA VAL B 31 -2.69 1.32 18.40
C VAL B 31 -2.81 2.73 17.82
N LEU B 32 -3.47 2.82 16.67
CA LEU B 32 -3.69 4.09 15.97
C LEU B 32 -4.40 5.09 16.85
N ASP B 33 -5.48 4.65 17.49
CA ASP B 33 -6.26 5.52 18.38
C ASP B 33 -5.43 6.01 19.56
N HIS B 34 -4.59 5.13 20.11
CA HIS B 34 -3.72 5.53 21.20
C HIS B 34 -2.71 6.57 20.73
N ILE B 35 -2.12 6.35 19.56
CA ILE B 35 -1.23 7.35 19.01
C ILE B 35 -1.95 8.69 18.81
N ALA B 36 -3.15 8.64 18.24
CA ALA B 36 -3.90 9.88 18.00
C ALA B 36 -4.10 10.71 19.27
N LYS B 37 -4.34 10.04 20.40
CA LYS B 37 -4.58 10.75 21.65
C LYS B 37 -3.32 11.42 22.19
N GLU B 38 -2.19 10.78 21.96
CA GLU B 38 -0.92 11.39 22.32
C GLU B 38 -0.67 12.64 21.49
N ILE B 39 -0.89 12.54 20.18
CA ILE B 39 -0.75 13.70 19.30
C ILE B 39 -1.70 14.82 19.72
N LYS B 40 -2.93 14.45 20.10
CA LYS B 40 -3.89 15.44 20.54
C LYS B 40 -3.37 16.21 21.76
N SER B 41 -2.67 15.52 22.66
CA SER B 41 -2.14 16.22 23.83
C SER B 41 -1.16 17.30 23.41
N LEU B 42 -0.46 17.06 22.30
CA LEU B 42 0.50 18.03 21.80
C LEU B 42 -0.23 19.21 21.16
N VAL B 43 -1.19 18.90 20.30
CA VAL B 43 -1.98 19.93 19.62
C VAL B 43 -2.71 20.82 20.61
N GLU B 44 -3.32 20.20 21.61
CA GLU B 44 -4.06 20.95 22.60
C GLU B 44 -3.12 21.84 23.41
N ASN B 45 -1.84 21.53 23.39
CA ASN B 45 -0.85 22.39 24.04
C ASN B 45 -0.11 23.34 23.09
N ASP B 46 -0.71 23.62 21.95
CA ASP B 46 -0.13 24.56 20.97
C ASP B 46 1.27 24.16 20.52
N ILE B 47 1.51 22.86 20.44
CA ILE B 47 2.70 22.34 19.81
C ILE B 47 2.31 21.97 18.38
N GLU B 48 3.12 22.39 17.42
CA GLU B 48 2.88 22.09 16.02
C GLU B 48 3.55 20.78 15.65
N VAL B 49 2.80 19.90 15.00
CA VAL B 49 3.21 18.51 14.85
C VAL B 49 3.26 18.06 13.39
N GLY B 50 4.44 17.65 12.95
CA GLY B 50 4.56 16.88 11.72
C GLY B 50 4.80 15.40 12.06
N ILE B 51 4.35 14.51 11.20
CA ILE B 51 4.49 13.08 11.47
C ILE B 51 5.05 12.34 10.25
N VAL B 52 5.97 11.41 10.48
CA VAL B 52 6.47 10.54 9.42
C VAL B 52 6.29 9.10 9.86
N ILE B 53 5.69 8.27 9.01
CA ILE B 53 5.48 6.87 9.35
C ILE B 53 6.20 6.00 8.33
N GLY B 54 6.78 4.90 8.80
CA GLY B 54 7.41 3.94 7.92
C GLY B 54 6.38 3.01 7.29
N GLY B 55 6.86 2.02 6.54
CA GLY B 55 5.96 1.13 5.82
C GLY B 55 6.12 -0.34 6.16
N GLY B 56 6.92 -0.63 7.19
CA GLY B 56 7.31 -2.00 7.49
C GLY B 56 6.19 -2.92 7.95
N ASN B 57 5.03 -2.37 8.28
CA ASN B 57 3.88 -3.19 8.66
C ASN B 57 3.20 -3.79 7.44
N ILE B 58 3.55 -3.27 6.26
CA ILE B 58 2.95 -3.75 5.01
C ILE B 58 4.01 -4.37 4.10
N ILE B 59 5.13 -3.69 3.90
CA ILE B 59 6.22 -4.24 3.10
C ILE B 59 7.39 -4.62 3.99
N ILE B 69 13.44 -11.90 -6.20
CA ILE B 69 12.50 -11.58 -7.28
C ILE B 69 12.16 -10.10 -7.30
N ILE B 70 11.77 -9.56 -6.14
CA ILE B 70 11.50 -8.15 -6.02
C ILE B 70 12.80 -7.39 -5.75
N ARG B 71 13.21 -6.55 -6.71
CA ARG B 71 14.48 -5.80 -6.60
C ARG B 71 14.40 -4.61 -5.62
N ARG B 72 15.56 -4.08 -5.23
CA ARG B 72 15.61 -3.03 -4.23
C ARG B 72 14.75 -1.81 -4.58
N THR B 73 14.91 -1.29 -5.78
CA THR B 73 14.19 -0.09 -6.18
C THR B 73 12.67 -0.30 -6.12
N SER B 74 12.19 -1.40 -6.69
CA SER B 74 10.78 -1.74 -6.64
C SER B 74 10.27 -1.92 -5.21
N GLY B 75 11.05 -2.63 -4.40
CA GLY B 75 10.70 -2.79 -3.00
C GLY B 75 10.52 -1.46 -2.30
N ASP B 76 11.46 -0.54 -2.54
CA ASP B 76 11.42 0.78 -1.92
C ASP B 76 10.21 1.61 -2.36
N TYR B 77 9.83 1.53 -3.63
CA TYR B 77 8.65 2.23 -4.13
C TYR B 77 7.37 1.63 -3.53
N MET B 78 7.33 0.31 -3.39
CA MET B 78 6.20 -0.33 -2.72
C MET B 78 6.14 0.13 -1.26
N GLY B 79 7.30 0.23 -0.61
CA GLY B 79 7.39 0.75 0.74
C GLY B 79 6.84 2.16 0.84
N MET B 80 7.19 3.01 -0.13
CA MET B 80 6.70 4.38 -0.12
C MET B 80 5.17 4.44 -0.20
N LEU B 81 4.59 3.58 -1.03
CA LEU B 81 3.13 3.50 -1.12
C LEU B 81 2.56 3.07 0.23
N ALA B 82 3.22 2.12 0.89
CA ALA B 82 2.75 1.67 2.21
C ALA B 82 2.72 2.83 3.21
N THR B 83 3.74 3.70 3.16
CA THR B 83 3.77 4.83 4.07
C THR B 83 2.57 5.76 3.86
N VAL B 84 2.07 5.81 2.62
CA VAL B 84 0.93 6.66 2.30
C VAL B 84 -0.37 6.02 2.81
N ILE B 85 -0.49 4.70 2.65
CA ILE B 85 -1.60 3.96 3.24
C ILE B 85 -1.65 4.24 4.76
N ASN B 86 -0.51 4.11 5.43
CA ASN B 86 -0.41 4.39 6.86
C ASN B 86 -0.77 5.85 7.20
N ALA B 87 -0.27 6.78 6.41
CA ALA B 87 -0.56 8.20 6.63
C ALA B 87 -2.06 8.47 6.53
N VAL B 88 -2.71 7.89 5.52
CA VAL B 88 -4.17 8.01 5.39
C VAL B 88 -4.92 7.40 6.59
N ALA B 89 -4.54 6.19 6.99
CA ALA B 89 -5.15 5.57 8.17
C ALA B 89 -4.96 6.44 9.41
N MET B 90 -3.77 7.02 9.59
CA MET B 90 -3.49 7.93 10.69
C MET B 90 -4.36 9.20 10.63
N GLN B 91 -4.49 9.77 9.43
CA GLN B 91 -5.34 10.95 9.25
C GLN B 91 -6.77 10.65 9.72
N GLU B 92 -7.29 9.49 9.34
CA GLU B 92 -8.63 9.10 9.78
C GLU B 92 -8.70 9.06 11.31
N ALA B 93 -7.72 8.42 11.93
CA ALA B 93 -7.71 8.28 13.38
C ALA B 93 -7.66 9.65 14.08
N LEU B 94 -6.86 10.56 13.54
CA LEU B 94 -6.73 11.88 14.15
C LEU B 94 -8.00 12.71 13.95
N GLU B 95 -8.55 12.68 12.76
CA GLU B 95 -9.75 13.44 12.47
C GLU B 95 -10.92 12.88 13.26
N HIS B 96 -10.92 11.58 13.47
CA HIS B 96 -11.96 10.93 14.24
C HIS B 96 -12.08 11.54 15.64
N ILE B 97 -10.99 12.05 16.17
CA ILE B 97 -11.05 12.68 17.48
C ILE B 97 -10.93 14.20 17.37
N GLY B 98 -11.28 14.72 16.20
CA GLY B 98 -11.43 16.16 16.01
C GLY B 98 -10.18 16.98 15.72
N LEU B 99 -9.08 16.31 15.37
CA LEU B 99 -7.86 17.02 15.00
C LEU B 99 -7.82 17.26 13.50
N ASP B 100 -7.75 18.54 13.10
CA ASP B 100 -7.55 18.90 11.69
C ASP B 100 -6.20 18.38 11.19
N THR B 101 -6.22 17.56 10.15
CA THR B 101 -5.02 16.85 9.68
C THR B 101 -4.85 16.99 8.18
N ARG B 102 -3.60 17.12 7.73
CA ARG B 102 -3.29 17.18 6.30
C ARG B 102 -2.21 16.14 5.99
N VAL B 103 -2.36 15.49 4.84
CA VAL B 103 -1.35 14.52 4.39
C VAL B 103 -0.65 15.06 3.16
N GLN B 104 0.67 15.15 3.22
CA GLN B 104 1.48 15.60 2.09
C GLN B 104 2.47 14.52 1.67
N SER B 105 2.40 14.12 0.40
CA SER B 105 3.23 13.03 -0.11
C SER B 105 4.38 13.55 -0.99
N ALA B 106 5.55 12.93 -0.87
CA ALA B 106 6.72 13.30 -1.69
C ALA B 106 6.51 12.91 -3.14
N ILE B 107 5.60 11.98 -3.36
CA ILE B 107 5.19 11.58 -4.69
C ILE B 107 3.75 12.04 -4.88
N GLU B 108 3.46 12.75 -5.97
CA GLU B 108 2.11 13.24 -6.19
C GLU B 108 1.08 12.11 -6.41
N ILE B 109 0.05 12.07 -5.57
CA ILE B 109 -1.05 11.12 -5.70
C ILE B 109 -2.32 11.91 -5.41
N LYS B 110 -2.71 12.77 -6.35
CA LYS B 110 -3.57 13.91 -6.01
C LYS B 110 -4.95 13.56 -5.48
N GLU B 111 -5.56 12.50 -5.99
CA GLU B 111 -6.89 12.13 -5.50
C GLU B 111 -6.89 11.78 -4.02
N ILE B 112 -5.76 11.28 -3.54
CA ILE B 112 -5.69 10.67 -2.21
C ILE B 112 -5.14 11.61 -1.11
N CYS B 113 -4.14 12.40 -1.44
CA CYS B 113 -3.56 13.34 -0.49
C CYS B 113 -2.91 14.52 -1.22
N GLU B 114 -2.44 15.51 -0.46
CA GLU B 114 -1.74 16.64 -1.05
C GLU B 114 -0.32 16.21 -1.41
N SER B 115 0.32 16.96 -2.30
CA SER B 115 1.75 16.82 -2.54
C SER B 115 2.50 17.62 -1.49
N TYR B 116 3.76 17.25 -1.24
CA TYR B 116 4.58 18.06 -0.38
C TYR B 116 4.90 19.39 -1.06
N ILE B 117 4.46 20.48 -0.43
CA ILE B 117 4.77 21.82 -0.92
C ILE B 117 5.15 22.62 0.31
N TYR B 118 6.37 23.12 0.32
CA TYR B 118 6.91 23.80 1.50
C TYR B 118 5.99 24.90 2.04
N ARG B 119 5.62 25.86 1.20
CA ARG B 119 4.80 26.98 1.66
C ARG B 119 3.44 26.55 2.19
N LYS B 120 2.91 25.45 1.68
CA LYS B 120 1.64 24.91 2.17
C LYS B 120 1.82 24.19 3.51
N ALA B 121 2.89 23.41 3.65
CA ALA B 121 3.14 22.71 4.91
C ALA B 121 3.28 23.71 6.07
N ILE B 122 4.09 24.74 5.86
CA ILE B 122 4.29 25.76 6.88
C ILE B 122 2.96 26.42 7.25
N ARG B 123 2.18 26.80 6.25
CA ARG B 123 0.86 27.40 6.49
C ARG B 123 -0.02 26.47 7.33
N HIS B 124 -0.06 25.19 6.95
CA HIS B 124 -0.82 24.18 7.70
C HIS B 124 -0.41 24.16 9.18
N LEU B 125 0.89 24.14 9.42
CA LEU B 125 1.40 24.01 10.79
C LEU B 125 1.07 25.28 11.58
N GLU B 126 1.26 26.44 10.97
CA GLU B 126 0.92 27.70 11.61
C GLU B 126 -0.56 27.76 12.01
N LYS B 127 -1.41 27.10 11.25
CA LYS B 127 -2.84 27.13 11.53
C LYS B 127 -3.29 25.98 12.44
N GLY B 128 -2.31 25.26 12.97
CA GLY B 128 -2.59 24.25 13.98
C GLY B 128 -3.03 22.90 13.46
N ARG B 129 -2.85 22.66 12.16
CA ARG B 129 -3.09 21.33 11.59
C ARG B 129 -1.90 20.41 11.88
N VAL B 130 -2.19 19.12 12.07
CA VAL B 130 -1.15 18.11 12.10
C VAL B 130 -0.85 17.78 10.65
N VAL B 131 0.42 17.71 10.29
CA VAL B 131 0.77 17.34 8.92
C VAL B 131 1.49 16.01 8.91
N ILE B 132 0.98 15.07 8.12
CA ILE B 132 1.61 13.76 8.01
C ILE B 132 2.28 13.66 6.66
N PHE B 133 3.55 13.33 6.67
CA PHE B 133 4.33 13.25 5.43
C PHE B 133 4.44 11.79 4.99
N GLY B 134 4.06 11.54 3.74
CA GLY B 134 4.10 10.20 3.18
C GLY B 134 5.11 10.08 2.05
N ALA B 135 5.46 8.83 1.73
CA ALA B 135 6.37 8.53 0.64
C ALA B 135 7.80 9.02 0.88
N GLY B 136 8.12 9.26 2.14
CA GLY B 136 9.47 9.62 2.54
C GLY B 136 10.01 10.84 1.81
N THR B 137 11.16 10.69 1.16
CA THR B 137 11.75 11.79 0.42
C THR B 137 11.31 11.68 -1.03
N GLY B 138 10.63 10.58 -1.36
CA GLY B 138 10.25 10.29 -2.72
C GLY B 138 11.32 9.55 -3.55
N ASN B 139 12.42 9.27 -2.87
CA ASN B 139 13.57 8.54 -3.39
C ASN B 139 13.87 7.21 -2.65
N PRO B 140 14.15 6.16 -3.39
CA PRO B 140 14.59 4.92 -2.82
C PRO B 140 16.00 5.05 -2.24
N PHE B 141 16.35 4.19 -1.33
CA PHE B 141 17.63 4.01 -0.72
C PHE B 141 17.78 4.93 0.46
N PHE B 142 16.84 5.79 0.72
CA PHE B 142 16.98 6.65 1.88
C PHE B 142 16.07 6.02 2.92
N THR B 143 16.54 5.86 4.14
CA THR B 143 15.72 5.26 5.14
C THR B 143 14.59 6.18 5.62
N THR B 144 13.62 5.62 6.27
CA THR B 144 12.54 6.39 6.86
C THR B 144 13.10 7.42 7.85
N ASP B 145 14.11 7.02 8.64
CA ASP B 145 14.77 7.93 9.57
C ASP B 145 15.33 9.14 8.85
N THR B 146 15.98 8.91 7.70
CA THR B 146 16.55 10.02 6.93
C THR B 146 15.45 10.93 6.39
N ALA B 147 14.39 10.32 5.85
CA ALA B 147 13.25 11.09 5.35
C ALA B 147 12.66 11.96 6.46
N ALA B 148 12.47 11.37 7.64
CA ALA B 148 11.91 12.08 8.77
C ALA B 148 12.82 13.23 9.19
N THR B 149 14.13 12.99 9.19
CA THR B 149 15.09 14.00 9.61
C THR B 149 15.06 15.15 8.62
N LEU B 150 15.01 14.81 7.33
CA LEU B 150 14.92 15.83 6.29
C LEU B 150 13.69 16.70 6.46
N ARG B 151 12.54 16.05 6.61
CA ARG B 151 11.29 16.80 6.79
C ARG B 151 11.33 17.67 8.04
N ALA B 152 11.90 17.14 9.12
CA ALA B 152 12.00 17.90 10.37
C ALA B 152 12.76 19.19 10.15
N ILE B 153 13.89 19.08 9.45
CA ILE B 153 14.71 20.25 9.16
C ILE B 153 13.99 21.20 8.20
N GLU B 154 13.36 20.65 7.17
CA GLU B 154 12.66 21.51 6.21
C GLU B 154 11.58 22.37 6.85
N ILE B 155 10.87 21.85 7.85
CA ILE B 155 9.80 22.62 8.48
C ILE B 155 10.27 23.45 9.68
N GLY B 156 11.57 23.46 9.93
CA GLY B 156 12.12 24.25 11.02
C GLY B 156 11.76 23.71 12.40
N SER B 157 11.75 22.39 12.53
CA SER B 157 11.46 21.73 13.81
C SER B 157 12.49 22.04 14.90
N ASP B 158 12.00 22.11 16.15
CA ASP B 158 12.87 22.26 17.31
C ASP B 158 13.57 20.95 17.63
N LEU B 159 12.95 19.85 17.24
CA LEU B 159 13.57 18.54 17.41
C LEU B 159 12.82 17.49 16.58
N ILE B 160 13.47 16.35 16.37
CA ILE B 160 12.81 15.17 15.86
C ILE B 160 12.73 14.17 16.99
N ILE B 161 11.57 13.56 17.16
CA ILE B 161 11.41 12.46 18.10
C ILE B 161 11.25 11.18 17.31
N LYS B 162 12.18 10.25 17.53
CA LYS B 162 12.00 8.92 16.99
C LYS B 162 11.35 8.09 18.08
N ALA B 163 10.07 7.79 17.89
CA ALA B 163 9.33 6.94 18.81
C ALA B 163 9.66 5.47 18.50
N THR B 164 10.09 4.72 19.52
CA THR B 164 10.41 3.32 19.31
C THR B 164 9.78 2.47 20.42
N LYS B 165 9.96 1.15 20.34
CA LYS B 165 9.39 0.27 21.35
C LYS B 165 10.19 0.34 22.65
N VAL B 166 11.38 0.92 22.58
CA VAL B 166 12.32 0.95 23.70
C VAL B 166 12.34 2.33 24.39
N ASP B 167 12.71 2.35 25.67
CA ASP B 167 12.74 3.56 26.51
C ASP B 167 13.68 4.65 26.01
N GLY B 168 14.66 4.28 25.19
CA GLY B 168 15.65 5.23 24.72
C GLY B 168 16.80 4.54 24.01
N ILE B 169 17.98 5.15 24.09
CA ILE B 169 19.18 4.63 23.44
C ILE B 169 20.05 3.92 24.47
N TYR B 170 20.43 2.67 24.18
CA TYR B 170 21.28 1.92 25.09
C TYR B 170 22.68 1.67 24.50
N ASP B 171 23.66 1.44 25.37
CA ASP B 171 25.03 1.20 24.94
C ASP B 171 25.20 -0.13 24.21
N LYS B 172 24.25 -1.04 24.42
CA LYS B 172 24.21 -2.31 23.75
C LYS B 172 22.77 -2.71 23.79
N ASP B 173 22.35 -3.57 22.88
CA ASP B 173 20.95 -3.98 22.84
C ASP B 173 20.45 -4.38 24.23
N PRO B 174 19.32 -3.80 24.65
CA PRO B 174 18.73 -4.07 25.97
C PRO B 174 18.25 -5.52 26.12
N ASN B 175 17.74 -6.09 25.03
CA ASN B 175 17.24 -7.47 25.04
C ASN B 175 18.29 -8.49 25.50
N LYS B 176 19.44 -8.47 24.84
CA LYS B 176 20.56 -9.34 25.19
C LYS B 176 21.85 -8.69 24.71
N PHE B 177 22.77 -8.42 25.64
CA PHE B 177 22.60 -8.82 27.04
C PHE B 177 21.75 -7.86 27.88
N LYS B 178 21.15 -8.42 28.93
CA LYS B 178 20.28 -7.68 29.84
C LYS B 178 21.06 -6.75 30.77
N ASP B 179 22.35 -6.59 30.53
CA ASP B 179 23.15 -5.68 31.33
C ASP B 179 23.34 -4.33 30.62
N ALA B 180 22.67 -4.18 29.48
CA ALA B 180 22.73 -2.94 28.70
C ALA B 180 22.28 -1.73 29.50
N LYS B 181 22.92 -0.58 29.27
CA LYS B 181 22.62 0.65 30.03
C LYS B 181 22.07 1.78 29.15
N LYS B 182 21.05 2.48 29.65
CA LYS B 182 20.46 3.60 28.94
C LYS B 182 21.33 4.85 29.02
N LEU B 183 21.60 5.44 27.87
CA LEU B 183 22.33 6.70 27.80
C LEU B 183 21.32 7.82 27.66
N ASP B 184 21.28 8.73 28.62
CA ASP B 184 20.35 9.85 28.58
C ASP B 184 20.72 10.88 27.51
N THR B 185 22.02 11.03 27.27
CA THR B 185 22.50 12.01 26.32
C THR B 185 23.76 11.53 25.61
N LEU B 186 23.89 11.89 24.35
CA LEU B 186 25.11 11.60 23.62
C LEU B 186 25.27 12.53 22.42
N SER B 187 26.44 12.51 21.80
CA SER B 187 26.77 13.44 20.73
C SER B 187 26.51 12.78 19.39
N TYR B 188 26.46 13.59 18.34
CA TYR B 188 26.29 13.05 17.00
C TYR B 188 27.42 12.10 16.69
N ASN B 189 28.63 12.43 17.13
CA ASN B 189 29.78 11.56 16.91
C ASN B 189 29.69 10.25 17.68
N ASP B 190 29.17 10.30 18.91
CA ASP B 190 28.91 9.06 19.66
C ASP B 190 28.06 8.10 18.82
N ALA B 191 27.05 8.65 18.15
CA ALA B 191 26.12 7.84 17.36
C ALA B 191 26.74 7.37 16.04
N LEU B 192 27.52 8.24 15.41
CA LEU B 192 28.14 7.93 14.12
C LEU B 192 29.24 6.88 14.24
N ILE B 193 30.09 7.08 15.24
CA ILE B 193 31.22 6.18 15.47
C ILE B 193 30.99 5.39 16.76
N GLY B 194 30.13 4.38 16.67
CA GLY B 194 29.80 3.58 17.83
C GLY B 194 29.06 2.32 17.42
N ASP B 195 29.12 1.31 18.27
CA ASP B 195 28.37 0.09 18.04
C ASP B 195 26.91 0.34 18.33
N ILE B 196 26.57 1.58 18.70
CA ILE B 196 25.20 1.92 19.07
C ILE B 196 24.46 2.59 17.92
N GLU B 197 23.38 1.95 17.49
CA GLU B 197 22.57 2.49 16.42
C GLU B 197 21.44 3.33 17.00
N VAL B 198 21.37 4.57 16.54
CA VAL B 198 20.29 5.46 16.90
C VAL B 198 19.45 5.61 15.66
N MET B 199 20.12 5.98 14.58
CA MET B 199 19.58 5.99 13.23
C MET B 199 20.74 5.60 12.33
N ASP B 200 20.49 5.42 11.04
CA ASP B 200 21.57 5.13 10.11
C ASP B 200 22.48 6.36 10.00
N ASP B 201 23.69 6.15 9.50
CA ASP B 201 24.69 7.21 9.42
C ASP B 201 24.21 8.42 8.63
N THR B 202 23.48 8.17 7.53
CA THR B 202 23.01 9.26 6.69
C THR B 202 22.06 10.21 7.45
N ALA B 203 21.14 9.62 8.18
CA ALA B 203 20.22 10.39 9.03
C ALA B 203 20.97 11.17 10.10
N ILE B 204 21.87 10.50 10.82
CA ILE B 204 22.65 11.18 11.85
C ILE B 204 23.47 12.34 11.28
N SER B 205 24.08 12.12 10.12
CA SER B 205 24.88 13.15 9.46
C SER B 205 24.03 14.36 9.11
N LEU B 206 22.86 14.09 8.53
CA LEU B 206 21.96 15.17 8.14
C LEU B 206 21.52 15.97 9.37
N ALA B 207 21.18 15.27 10.44
CA ALA B 207 20.80 15.94 11.69
C ALA B 207 21.97 16.76 12.23
N LYS B 208 23.14 16.14 12.28
CA LYS B 208 24.34 16.79 12.77
C LYS B 208 24.61 18.10 12.03
N ASP B 209 24.60 18.04 10.70
CA ASP B 209 24.98 19.20 9.91
C ASP B 209 23.96 20.33 9.93
N ASN B 210 22.77 20.06 10.44
CA ASN B 210 21.78 21.10 10.63
C ASN B 210 21.47 21.33 12.10
N LYS B 211 22.26 20.71 12.98
CA LYS B 211 22.12 20.87 14.41
C LYS B 211 20.68 20.60 14.86
N LEU B 212 20.12 19.50 14.37
CA LEU B 212 18.79 19.05 14.78
C LEU B 212 18.92 18.08 15.94
N PRO B 213 18.38 18.45 17.12
CA PRO B 213 18.43 17.50 18.25
C PRO B 213 17.55 16.30 17.95
N ILE B 214 18.03 15.12 18.29
CA ILE B 214 17.27 13.89 18.11
C ILE B 214 16.87 13.31 19.47
N VAL B 215 15.57 13.12 19.69
CA VAL B 215 15.09 12.47 20.90
C VAL B 215 14.57 11.08 20.57
N VAL B 216 15.03 10.08 21.29
CA VAL B 216 14.51 8.71 21.15
C VAL B 216 13.72 8.36 22.41
N CYS B 217 12.49 7.91 22.23
CA CYS B 217 11.66 7.58 23.38
C CYS B 217 10.59 6.55 23.03
N ASN B 218 9.85 6.11 24.03
CA ASN B 218 8.81 5.13 23.83
C ASN B 218 7.48 5.83 23.61
N MET B 219 6.84 5.52 22.48
CA MET B 219 5.65 6.24 22.03
C MET B 219 4.44 6.07 22.96
N PHE B 220 4.35 4.89 23.56
CA PHE B 220 3.10 4.47 24.19
C PHE B 220 3.00 4.72 25.71
N LYS B 221 4.02 5.37 26.28
CA LYS B 221 3.90 5.91 27.64
C LYS B 221 3.04 7.16 27.62
N LYS B 222 1.83 7.07 28.15
CA LYS B 222 0.89 8.20 28.12
C LYS B 222 1.51 9.48 28.68
N GLY B 223 1.34 10.57 27.95
CA GLY B 223 1.86 11.85 28.37
C GLY B 223 3.33 12.05 28.08
N ASN B 224 4.03 11.01 27.63
CA ASN B 224 5.47 11.11 27.48
C ASN B 224 5.92 12.15 26.44
N LEU B 225 5.32 12.13 25.25
CA LEU B 225 5.67 13.10 24.22
C LEU B 225 5.51 14.51 24.76
N LEU B 226 4.36 14.77 25.38
CA LEU B 226 4.10 16.10 25.91
C LEU B 226 5.18 16.51 26.92
N GLN B 227 5.53 15.59 27.83
CA GLN B 227 6.60 15.85 28.80
C GLN B 227 7.92 16.19 28.14
N VAL B 228 8.31 15.40 27.14
CA VAL B 228 9.56 15.64 26.43
C VAL B 228 9.59 17.00 25.76
N ILE B 229 8.51 17.33 25.04
CA ILE B 229 8.50 18.55 24.25
C ILE B 229 8.27 19.82 25.07
N LYS B 230 7.27 19.78 25.96
CA LYS B 230 6.88 20.97 26.69
C LYS B 230 7.75 21.19 27.92
N HIS B 231 8.20 20.10 28.55
CA HIS B 231 8.88 20.22 29.84
C HIS B 231 10.33 19.76 29.84
N GLN B 232 10.77 19.17 28.74
CA GLN B 232 12.08 18.51 28.71
C GLN B 232 12.21 17.48 29.84
N GLN B 233 11.09 16.84 30.17
CA GLN B 233 11.10 15.74 31.14
C GLN B 233 10.47 14.50 30.51
N GLY B 234 10.06 13.55 31.34
CA GLY B 234 9.62 12.24 30.86
C GLY B 234 10.82 11.32 30.75
N VAL B 235 10.68 10.25 29.97
CA VAL B 235 11.74 9.26 29.81
C VAL B 235 12.19 9.25 28.35
N PHE B 236 13.48 9.49 28.11
CA PHE B 236 14.00 9.58 26.75
C PHE B 236 15.53 9.55 26.73
N SER B 237 16.10 9.52 25.53
CA SER B 237 17.52 9.75 25.35
C SER B 237 17.64 10.81 24.27
N MET B 238 18.63 11.69 24.36
CA MET B 238 18.81 12.71 23.35
C MET B 238 20.19 12.69 22.73
N VAL B 239 20.24 12.84 21.41
CA VAL B 239 21.50 13.01 20.69
C VAL B 239 21.60 14.46 20.27
N LYS B 240 22.75 15.07 20.49
CA LYS B 240 22.90 16.47 20.11
C LYS B 240 24.34 16.94 20.23
#